data_1EOM
#
_entry.id   1EOM
#
_cell.length_a   68.994
_cell.length_b   117.456
_cell.length_c   40.156
_cell.angle_alpha   90.00
_cell.angle_beta   90.00
_cell.angle_gamma   90.00
#
_symmetry.space_group_name_H-M   'P 21 21 21'
#
loop_
_entity.id
_entity.type
_entity.pdbx_description
1 polymer 'ENDO-BETA-N-ACETYLGLUCOSAMINIDASE F3'
2 branched beta-D-galactopyranose-(1-4)-2-acetamido-2-deoxy-beta-D-glucopyranose-(1-2)-alpha-D-mannopyranose-(1-3)-[beta-D-galactopyranose-(1-4)-2-acetamido-2-deoxy-beta-D-glucopyranose-(1-2)-alpha-D-mannopyranose-(1-6)]alpha-D-mannopyranose-(1-4)-2-acetamido-2-deoxy-beta-D-glucopyranose
3 non-polymer 'SULFATE ION'
4 water water
#
_entity_poly.entity_id   1
_entity_poly.type   'polypeptide(L)'
_entity_poly.pdbx_seq_one_letter_code
;ATALAGSNGVCIAYYITDGRNPTFKLKDIPDKVDMVILFGLKYWSLQDTTKLPGGTGMMGSFKSYKDLDTQIRSLQSRGI
KVLQNIDDDVSWQSSKPGGFASAAAYGDAIKSIVIDKWKLDGISLDIEHSGAKPNPIPTFPGYAATGYNGWYSGSMAATP
AFLNVISELTKYFGTTAPNNKQLQIASGIDVYAWNKIMENFRNNFNYIQLQSYGANVSRTQLMMNYATGTNKIPASKMVF
GAYAEGGTNQANDVEVAKWTPTQGAKGGMMIYTYNSNVSYANAVRDAVKN
;
_entity_poly.pdbx_strand_id   A
#
# COMPACT_ATOMS: atom_id res chain seq x y z
N ASN A 8 12.58 12.80 -9.47
CA ASN A 8 12.17 13.11 -8.06
C ASN A 8 10.80 12.53 -7.76
N GLY A 9 10.76 11.29 -7.29
CA GLY A 9 9.47 10.70 -7.01
C GLY A 9 9.06 10.87 -5.56
N VAL A 10 7.96 10.22 -5.26
CA VAL A 10 7.41 10.24 -3.93
C VAL A 10 8.17 9.22 -3.12
N CYS A 11 8.18 9.40 -1.80
CA CYS A 11 8.81 8.45 -0.90
C CYS A 11 7.71 8.12 0.10
N ILE A 12 7.20 6.90 0.02
CA ILE A 12 6.10 6.47 0.85
C ILE A 12 6.65 5.52 1.87
N ALA A 13 6.46 5.85 3.14
CA ALA A 13 7.00 5.03 4.22
C ALA A 13 6.01 4.18 4.95
N TYR A 14 6.28 2.90 4.96
CA TYR A 14 5.43 2.01 5.71
C TYR A 14 5.95 2.07 7.15
N TYR A 15 5.05 2.14 8.11
CA TYR A 15 5.48 2.10 9.50
C TYR A 15 4.64 0.97 10.11
N ILE A 16 5.25 -0.17 10.35
CA ILE A 16 4.51 -1.28 10.91
C ILE A 16 4.54 -1.04 12.41
N THR A 17 3.35 -1.09 12.95
CA THR A 17 3.11 -0.79 14.34
C THR A 17 3.27 -1.93 15.32
N ASP A 18 4.09 -2.93 14.99
CA ASP A 18 4.25 -4.09 15.88
C ASP A 18 5.29 -3.94 16.97
N GLY A 19 5.73 -2.73 17.26
CA GLY A 19 6.70 -2.54 18.32
C GLY A 19 8.16 -2.77 17.98
N ARG A 20 8.47 -3.16 16.75
CA ARG A 20 9.87 -3.38 16.45
C ARG A 20 10.62 -2.06 16.52
N ASN A 21 11.92 -2.11 16.82
CA ASN A 21 12.74 -0.89 16.84
C ASN A 21 11.96 0.26 17.50
N PRO A 22 11.39 0.00 18.70
CA PRO A 22 10.59 0.94 19.49
C PRO A 22 11.05 2.37 19.63
N THR A 23 12.35 2.61 19.74
CA THR A 23 12.80 3.98 19.88
C THR A 23 12.48 4.79 18.63
N PHE A 24 12.22 4.13 17.50
CA PHE A 24 11.87 4.88 16.29
C PHE A 24 10.36 4.99 16.23
N LYS A 25 9.89 6.05 16.82
CA LYS A 25 8.48 6.32 16.90
C LYS A 25 7.95 6.80 15.59
N LEU A 26 6.65 6.64 15.43
CA LEU A 26 5.94 7.08 14.24
C LEU A 26 6.28 8.54 13.96
N LYS A 27 6.31 9.38 15.00
CA LYS A 27 6.63 10.80 14.81
C LYS A 27 8.08 11.01 14.42
N ASP A 28 8.91 9.98 14.50
CA ASP A 28 10.29 10.19 14.10
C ASP A 28 10.53 10.08 12.61
N ILE A 29 9.46 9.83 11.85
CA ILE A 29 9.59 9.76 10.40
C ILE A 29 10.29 11.04 9.99
N PRO A 30 11.45 10.91 9.33
CA PRO A 30 12.19 12.10 8.92
C PRO A 30 11.57 12.89 7.81
N ASP A 31 12.22 13.98 7.42
CA ASP A 31 11.71 14.80 6.33
C ASP A 31 12.01 14.12 4.99
N LYS A 32 11.50 14.72 3.93
CA LYS A 32 11.63 14.16 2.59
C LYS A 32 10.89 12.80 2.47
N VAL A 33 9.94 12.55 3.37
CA VAL A 33 9.08 11.36 3.33
C VAL A 33 7.70 11.97 3.21
N ASP A 34 7.08 11.74 2.05
CA ASP A 34 5.78 12.28 1.68
C ASP A 34 4.59 11.71 2.40
N MET A 35 4.61 10.39 2.57
CA MET A 35 3.48 9.73 3.19
C MET A 35 3.98 8.60 4.01
N VAL A 36 3.18 8.27 5.00
CA VAL A 36 3.46 7.18 5.89
C VAL A 36 2.17 6.36 5.87
N ILE A 37 2.33 5.05 5.74
CA ILE A 37 1.18 4.16 5.75
C ILE A 37 1.28 3.35 7.06
N LEU A 38 0.27 3.53 7.91
CA LEU A 38 0.20 2.77 9.15
C LEU A 38 -0.11 1.35 8.70
N PHE A 39 0.72 0.41 9.16
CA PHE A 39 0.62 -0.98 8.74
C PHE A 39 0.69 -1.95 9.90
N GLY A 40 -0.04 -3.05 9.78
CA GLY A 40 -0.07 -4.04 10.84
C GLY A 40 -1.37 -3.71 11.54
N LEU A 41 -1.41 -2.52 12.13
CA LEU A 41 -2.62 -2.03 12.82
C LEU A 41 -3.79 -2.24 11.85
N LYS A 42 -4.89 -2.78 12.34
CA LYS A 42 -6.06 -3.03 11.53
C LYS A 42 -7.11 -1.92 11.76
N TYR A 43 -7.90 -1.63 10.73
CA TYR A 43 -8.90 -0.60 10.83
C TYR A 43 -9.91 -0.90 11.92
N TRP A 44 -10.13 -2.18 12.24
CA TRP A 44 -11.12 -2.49 13.26
C TRP A 44 -10.60 -2.08 14.66
N SER A 45 -9.29 -1.87 14.77
CA SER A 45 -8.72 -1.42 16.03
C SER A 45 -8.95 0.10 16.09
N LEU A 46 -8.90 0.76 14.94
CA LEU A 46 -9.14 2.19 14.92
C LEU A 46 -10.64 2.37 15.20
N GLN A 47 -11.43 1.42 14.71
CA GLN A 47 -12.88 1.48 14.89
C GLN A 47 -13.24 1.32 16.36
N ASP A 48 -12.77 0.24 16.97
CA ASP A 48 -13.06 0.00 18.37
C ASP A 48 -11.71 -0.12 19.08
N THR A 49 -11.27 0.98 19.69
CA THR A 49 -9.97 1.02 20.35
C THR A 49 -9.84 0.22 21.63
N THR A 50 -10.94 -0.29 22.14
CA THR A 50 -10.89 -1.03 23.39
C THR A 50 -10.48 -2.50 23.24
N LYS A 51 -10.45 -3.03 22.02
CA LYS A 51 -10.12 -4.46 21.90
C LYS A 51 -8.64 -4.82 21.96
N LEU A 52 -7.76 -4.02 21.36
CA LEU A 52 -6.36 -4.33 21.37
C LEU A 52 -5.67 -3.36 22.33
N PRO A 53 -5.15 -3.87 23.44
CA PRO A 53 -4.50 -2.94 24.36
C PRO A 53 -3.31 -2.26 23.71
N GLY A 54 -3.18 -0.97 23.99
CA GLY A 54 -2.07 -0.21 23.46
C GLY A 54 -0.79 -0.81 24.00
N GLY A 55 0.25 -0.72 23.19
CA GLY A 55 1.54 -1.23 23.59
C GLY A 55 1.65 -2.72 23.39
N THR A 56 0.63 -3.36 22.83
CA THR A 56 0.68 -4.80 22.60
C THR A 56 0.22 -5.13 21.15
N GLY A 57 0.66 -6.27 20.63
CA GLY A 57 0.30 -6.69 19.27
C GLY A 57 0.53 -5.60 18.21
N MET A 58 -0.47 -5.35 17.39
CA MET A 58 -0.33 -4.31 16.36
C MET A 58 -0.44 -2.86 16.91
N MET A 59 -0.39 -2.74 18.24
CA MET A 59 -0.40 -1.43 18.87
C MET A 59 0.89 -1.43 19.69
N GLY A 60 1.72 -2.41 19.40
CA GLY A 60 2.96 -2.53 20.14
C GLY A 60 3.86 -1.32 20.01
N SER A 61 3.69 -0.59 18.92
CA SER A 61 4.52 0.59 18.71
C SER A 61 4.13 1.83 19.50
N PHE A 62 3.02 1.79 20.21
CA PHE A 62 2.56 2.95 20.97
C PHE A 62 2.22 2.62 22.41
N LYS A 63 2.31 3.63 23.25
CA LYS A 63 2.02 3.46 24.67
C LYS A 63 0.53 3.35 24.88
N SER A 64 -0.24 3.93 23.96
CA SER A 64 -1.69 3.95 24.11
C SER A 64 -2.26 4.47 22.82
N TYR A 65 -3.58 4.47 22.72
CA TYR A 65 -4.17 5.00 21.50
C TYR A 65 -3.96 6.51 21.43
N LYS A 66 -3.89 7.17 22.60
CA LYS A 66 -3.68 8.61 22.62
C LYS A 66 -2.30 8.91 22.03
N ASP A 67 -1.33 8.10 22.40
CA ASP A 67 0.02 8.28 21.89
C ASP A 67 0.00 8.17 20.35
N LEU A 68 -0.68 7.16 19.85
CA LEU A 68 -0.81 6.93 18.41
C LEU A 68 -1.43 8.18 17.77
N ASP A 69 -2.57 8.58 18.30
CA ASP A 69 -3.29 9.74 17.77
C ASP A 69 -2.37 10.97 17.72
N THR A 70 -1.65 11.22 18.81
CA THR A 70 -0.75 12.37 18.87
C THR A 70 0.40 12.35 17.85
N GLN A 71 0.99 11.17 17.67
CA GLN A 71 2.11 11.08 16.74
C GLN A 71 1.64 11.25 15.31
N ILE A 72 0.46 10.72 15.02
CA ILE A 72 -0.11 10.90 13.69
C ILE A 72 -0.18 12.41 13.41
N ARG A 73 -0.79 13.15 14.34
CA ARG A 73 -0.92 14.58 14.07
C ARG A 73 0.43 15.22 13.86
N SER A 74 1.42 14.70 14.59
CA SER A 74 2.76 15.20 14.49
C SER A 74 3.25 15.12 13.07
N LEU A 75 2.93 14.04 12.39
CA LEU A 75 3.34 13.90 10.99
C LEU A 75 2.53 14.83 10.06
N GLN A 76 1.22 14.85 10.24
CA GLN A 76 0.35 15.65 9.38
C GLN A 76 0.66 17.13 9.46
N SER A 77 0.94 17.63 10.66
CA SER A 77 1.20 19.05 10.82
C SER A 77 2.51 19.44 10.15
N ARG A 78 3.31 18.43 9.82
CA ARG A 78 4.55 18.66 9.11
C ARG A 78 4.27 18.50 7.62
N GLY A 79 3.00 18.21 7.28
CA GLY A 79 2.63 18.04 5.87
C GLY A 79 2.84 16.63 5.33
N ILE A 80 3.11 15.67 6.20
CA ILE A 80 3.29 14.28 5.77
C ILE A 80 1.90 13.65 5.80
N LYS A 81 1.47 13.04 4.71
CA LYS A 81 0.16 12.38 4.69
C LYS A 81 0.24 11.04 5.41
N VAL A 82 -0.76 10.72 6.21
CA VAL A 82 -0.75 9.44 6.92
C VAL A 82 -1.95 8.63 6.43
N LEU A 83 -1.67 7.46 5.86
CA LEU A 83 -2.68 6.56 5.32
C LEU A 83 -2.80 5.31 6.15
N GLN A 84 -3.97 4.70 6.10
CA GLN A 84 -4.20 3.46 6.84
C GLN A 84 -4.16 2.32 5.85
N ASN A 85 -3.47 1.26 6.22
CA ASN A 85 -3.41 0.10 5.35
C ASN A 85 -4.70 -0.67 5.53
N ILE A 86 -5.28 -1.10 4.42
CA ILE A 86 -6.48 -1.93 4.45
C ILE A 86 -6.14 -3.17 3.65
N ASP A 87 -6.29 -4.35 4.26
CA ASP A 87 -5.99 -5.60 3.56
C ASP A 87 -7.19 -6.16 2.84
N ASP A 88 -6.97 -6.75 1.67
CA ASP A 88 -8.10 -7.40 1.02
C ASP A 88 -8.33 -8.67 1.86
N ASP A 89 -9.53 -9.18 1.76
CA ASP A 89 -9.97 -10.31 2.56
C ASP A 89 -11.00 -11.09 1.77
N VAL A 90 -11.06 -12.39 2.01
CA VAL A 90 -12.02 -13.25 1.31
C VAL A 90 -13.46 -12.70 1.45
N SER A 91 -13.75 -11.97 2.55
CA SER A 91 -15.11 -11.42 2.69
C SER A 91 -15.38 -10.39 1.54
N TRP A 92 -14.34 -9.89 0.90
CA TRP A 92 -14.54 -8.96 -0.21
C TRP A 92 -15.26 -9.68 -1.38
N GLN A 93 -15.07 -11.00 -1.47
CA GLN A 93 -15.72 -11.77 -2.53
C GLN A 93 -17.17 -12.17 -2.21
N SER A 94 -17.65 -11.77 -1.03
CA SER A 94 -19.01 -12.08 -0.59
C SER A 94 -19.86 -10.81 -0.65
N SER A 95 -21.15 -10.94 -0.34
CA SER A 95 -22.03 -9.81 -0.35
C SER A 95 -21.96 -9.11 1.01
N LYS A 96 -21.13 -9.64 1.92
CA LYS A 96 -20.97 -9.04 3.24
C LYS A 96 -19.51 -8.69 3.55
N PRO A 97 -18.87 -7.89 2.69
CA PRO A 97 -17.48 -7.52 2.91
C PRO A 97 -17.22 -6.89 4.31
N GLY A 98 -16.20 -7.39 4.99
CA GLY A 98 -15.89 -6.89 6.30
C GLY A 98 -17.01 -7.18 7.28
N GLY A 99 -17.98 -7.98 6.86
CA GLY A 99 -19.09 -8.29 7.73
C GLY A 99 -20.13 -7.19 7.69
N PHE A 100 -19.98 -6.29 6.72
CA PHE A 100 -20.96 -5.23 6.58
C PHE A 100 -22.03 -5.70 5.63
N ALA A 101 -23.12 -4.94 5.52
CA ALA A 101 -24.23 -5.37 4.69
C ALA A 101 -24.02 -5.35 3.17
N SER A 102 -23.09 -4.54 2.69
CA SER A 102 -22.81 -4.46 1.27
C SER A 102 -21.45 -3.79 1.08
N ALA A 103 -21.00 -3.70 -0.14
CA ALA A 103 -19.72 -3.06 -0.40
C ALA A 103 -19.90 -1.56 -0.09
N ALA A 104 -21.11 -1.01 -0.31
CA ALA A 104 -21.35 0.41 -0.03
C ALA A 104 -21.23 0.62 1.47
N ALA A 105 -21.81 -0.30 2.23
CA ALA A 105 -21.76 -0.24 3.68
C ALA A 105 -20.28 -0.34 4.16
N TYR A 106 -19.54 -1.26 3.57
CA TYR A 106 -18.12 -1.46 3.88
C TYR A 106 -17.37 -0.15 3.59
N GLY A 107 -17.60 0.38 2.39
CA GLY A 107 -16.98 1.63 2.00
C GLY A 107 -17.29 2.74 3.01
N ASP A 108 -18.56 2.90 3.36
CA ASP A 108 -18.91 3.94 4.33
C ASP A 108 -18.13 3.76 5.64
N ALA A 109 -18.07 2.51 6.08
CA ALA A 109 -17.38 2.18 7.34
C ALA A 109 -15.91 2.60 7.29
N ILE A 110 -15.23 2.20 6.23
CA ILE A 110 -13.82 2.54 6.10
C ILE A 110 -13.73 4.06 6.14
N LYS A 111 -14.56 4.73 5.35
CA LYS A 111 -14.57 6.20 5.35
C LYS A 111 -14.86 6.73 6.78
N SER A 112 -15.84 6.13 7.43
CA SER A 112 -16.19 6.60 8.76
C SER A 112 -15.03 6.44 9.76
N ILE A 113 -14.36 5.29 9.74
CA ILE A 113 -13.26 5.03 10.65
C ILE A 113 -11.96 5.78 10.28
N VAL A 114 -11.51 5.64 9.04
CA VAL A 114 -10.25 6.27 8.63
C VAL A 114 -10.32 7.80 8.48
N ILE A 115 -11.38 8.26 7.88
CA ILE A 115 -11.51 9.69 7.71
C ILE A 115 -12.27 10.39 8.83
N ASP A 116 -13.56 10.11 8.93
CA ASP A 116 -14.39 10.76 9.94
C ASP A 116 -13.88 10.73 11.37
N LYS A 117 -13.45 9.55 11.79
CA LYS A 117 -12.96 9.38 13.13
C LYS A 117 -11.48 9.75 13.26
N TRP A 118 -10.60 9.03 12.57
CA TRP A 118 -9.18 9.29 12.71
C TRP A 118 -8.57 10.38 11.86
N LYS A 119 -9.38 11.01 11.02
CA LYS A 119 -8.92 12.12 10.19
C LYS A 119 -7.62 11.77 9.53
N LEU A 120 -7.59 10.64 8.85
CA LEU A 120 -6.41 10.20 8.14
C LEU A 120 -6.49 10.73 6.69
N ASP A 121 -5.38 10.64 5.99
CA ASP A 121 -5.28 11.16 4.65
C ASP A 121 -5.62 10.21 3.54
N GLY A 122 -5.99 8.99 3.91
CA GLY A 122 -6.37 8.01 2.90
C GLY A 122 -6.04 6.60 3.33
N ILE A 123 -6.10 5.69 2.39
CA ILE A 123 -5.80 4.29 2.68
C ILE A 123 -4.96 3.73 1.56
N SER A 124 -4.32 2.61 1.86
CA SER A 124 -3.52 1.89 0.90
C SER A 124 -4.05 0.47 1.01
N LEU A 125 -4.36 -0.14 -0.13
CA LEU A 125 -4.88 -1.50 -0.12
C LEU A 125 -3.81 -2.56 -0.33
N ASP A 126 -3.63 -3.41 0.66
CA ASP A 126 -2.65 -4.48 0.53
C ASP A 126 -3.43 -5.62 -0.09
N ILE A 127 -3.26 -5.80 -1.39
CA ILE A 127 -3.99 -6.81 -2.13
C ILE A 127 -3.13 -8.03 -2.43
N GLU A 128 -3.37 -9.11 -1.66
CA GLU A 128 -2.62 -10.35 -1.82
C GLU A 128 -3.14 -11.50 -0.95
N HIS A 129 -4.19 -11.28 -0.17
CA HIS A 129 -4.68 -12.32 0.72
C HIS A 129 -5.45 -13.43 0.08
N SER A 130 -5.64 -14.54 0.79
CA SER A 130 -6.30 -15.67 0.17
C SER A 130 -7.83 -15.61 0.03
N GLY A 131 -8.31 -16.33 -0.96
CA GLY A 131 -9.72 -16.39 -1.24
C GLY A 131 -9.87 -17.23 -2.45
N ALA A 132 -11.08 -17.26 -3.01
CA ALA A 132 -11.31 -18.09 -4.19
C ALA A 132 -10.46 -17.62 -5.36
N LYS A 133 -9.85 -18.59 -6.02
CA LYS A 133 -9.01 -18.31 -7.19
C LYS A 133 -9.91 -18.02 -8.36
N PRO A 134 -9.38 -17.36 -9.39
CA PRO A 134 -10.23 -17.08 -10.54
C PRO A 134 -10.55 -18.40 -11.23
N ASN A 135 -11.62 -18.37 -12.01
CA ASN A 135 -12.00 -19.54 -12.75
C ASN A 135 -12.62 -19.16 -14.10
N PRO A 136 -11.98 -19.56 -15.18
CA PRO A 136 -10.74 -20.36 -15.19
C PRO A 136 -9.53 -19.53 -14.71
N ILE A 137 -8.44 -20.21 -14.37
CA ILE A 137 -7.26 -19.48 -13.98
C ILE A 137 -6.54 -19.19 -15.28
N PRO A 138 -6.36 -17.92 -15.64
CA PRO A 138 -5.67 -17.68 -16.92
C PRO A 138 -4.22 -18.08 -16.88
N THR A 139 -3.65 -18.27 -18.05
CA THR A 139 -2.24 -18.60 -18.14
C THR A 139 -1.47 -17.31 -17.81
N PHE A 140 -0.59 -17.38 -16.83
CA PHE A 140 0.19 -16.20 -16.48
C PHE A 140 1.19 -15.95 -17.63
N PRO A 141 1.35 -14.69 -18.06
CA PRO A 141 2.26 -14.34 -19.15
C PRO A 141 3.71 -14.75 -18.96
N GLY A 142 4.16 -14.78 -17.71
CA GLY A 142 5.53 -15.19 -17.49
C GLY A 142 6.52 -14.10 -17.18
N TYR A 143 7.72 -14.54 -16.86
CA TYR A 143 8.80 -13.67 -16.44
C TYR A 143 9.18 -12.56 -17.40
N ALA A 144 9.56 -12.91 -18.62
CA ALA A 144 9.98 -11.91 -19.59
C ALA A 144 8.91 -10.84 -19.71
N ALA A 145 7.66 -11.27 -19.72
CA ALA A 145 6.58 -10.31 -19.88
C ALA A 145 6.21 -9.46 -18.68
N THR A 146 6.43 -9.97 -17.48
CA THR A 146 5.96 -9.28 -16.28
C THR A 146 6.93 -9.08 -15.14
N GLY A 147 8.03 -9.84 -15.15
CA GLY A 147 8.96 -9.76 -14.03
C GLY A 147 8.60 -10.77 -12.95
N TYR A 148 7.60 -11.61 -13.21
CA TYR A 148 7.20 -12.65 -12.25
C TYR A 148 7.12 -13.96 -13.01
N ASN A 149 7.35 -15.09 -12.34
CA ASN A 149 7.25 -16.41 -13.01
C ASN A 149 5.83 -16.93 -13.24
N GLY A 150 4.94 -16.70 -12.29
CA GLY A 150 3.59 -17.21 -12.42
C GLY A 150 2.71 -16.65 -11.34
N TRP A 151 1.48 -17.13 -11.24
CA TRP A 151 0.57 -16.60 -10.24
C TRP A 151 1.03 -16.78 -8.79
N TYR A 152 0.71 -15.80 -7.93
CA TYR A 152 1.00 -15.98 -6.51
C TYR A 152 -0.28 -16.72 -6.07
N SER A 153 -0.17 -18.03 -5.95
CA SER A 153 -1.31 -18.88 -5.62
C SER A 153 -2.06 -18.55 -4.34
N GLY A 154 -1.47 -17.74 -3.49
CA GLY A 154 -2.15 -17.39 -2.27
C GLY A 154 -3.00 -16.12 -2.35
N SER A 155 -3.26 -15.61 -3.56
CA SER A 155 -4.06 -14.41 -3.66
C SER A 155 -5.49 -14.81 -4.09
N MET A 156 -6.32 -13.85 -4.49
CA MET A 156 -7.69 -14.20 -4.86
C MET A 156 -8.15 -13.49 -6.12
N ALA A 157 -9.24 -14.02 -6.66
CA ALA A 157 -9.82 -13.44 -7.85
C ALA A 157 -10.53 -12.13 -7.54
N ALA A 158 -10.44 -11.22 -8.50
CA ALA A 158 -11.13 -9.95 -8.37
C ALA A 158 -12.50 -10.24 -8.96
N THR A 159 -13.35 -10.92 -8.21
CA THR A 159 -14.71 -11.18 -8.68
C THR A 159 -15.45 -9.83 -8.64
N PRO A 160 -16.69 -9.78 -9.17
CA PRO A 160 -17.49 -8.56 -9.19
C PRO A 160 -17.70 -7.99 -7.78
N ALA A 161 -17.93 -8.88 -6.83
CA ALA A 161 -18.15 -8.50 -5.46
C ALA A 161 -16.86 -7.85 -4.92
N PHE A 162 -15.73 -8.41 -5.30
CA PHE A 162 -14.44 -7.89 -4.86
C PHE A 162 -14.24 -6.50 -5.48
N LEU A 163 -14.59 -6.36 -6.75
CA LEU A 163 -14.46 -5.09 -7.45
C LEU A 163 -15.38 -4.03 -6.84
N ASN A 164 -16.54 -4.45 -6.36
CA ASN A 164 -17.50 -3.52 -5.74
C ASN A 164 -16.89 -2.85 -4.53
N VAL A 165 -16.13 -3.62 -3.76
CA VAL A 165 -15.53 -3.05 -2.57
C VAL A 165 -14.64 -1.88 -2.97
N ILE A 166 -13.67 -2.14 -3.83
CA ILE A 166 -12.78 -1.08 -4.24
C ILE A 166 -13.56 0.10 -4.85
N SER A 167 -14.53 -0.22 -5.70
CA SER A 167 -15.35 0.82 -6.33
C SER A 167 -15.98 1.72 -5.28
N GLU A 168 -16.55 1.12 -4.25
CA GLU A 168 -17.17 1.92 -3.22
C GLU A 168 -16.11 2.74 -2.49
N LEU A 169 -14.94 2.16 -2.27
CA LEU A 169 -13.88 2.91 -1.62
C LEU A 169 -13.41 4.11 -2.45
N THR A 170 -13.51 4.02 -3.77
CA THR A 170 -13.04 5.14 -4.61
C THR A 170 -13.93 6.38 -4.46
N LYS A 171 -15.04 6.22 -3.77
CA LYS A 171 -15.93 7.35 -3.57
C LYS A 171 -15.38 8.26 -2.51
N TYR A 172 -14.48 7.74 -1.68
CA TYR A 172 -13.94 8.54 -0.60
C TYR A 172 -12.45 8.60 -0.61
N PHE A 173 -11.84 7.76 -1.42
CA PHE A 173 -10.39 7.76 -1.47
C PHE A 173 -9.96 7.72 -2.93
N GLY A 174 -8.88 8.42 -3.24
CA GLY A 174 -8.40 8.38 -4.60
C GLY A 174 -8.55 9.70 -5.31
N THR A 175 -8.13 9.69 -6.59
CA THR A 175 -8.12 10.85 -7.46
C THR A 175 -9.47 11.45 -7.83
N THR A 176 -10.55 10.69 -7.70
CA THR A 176 -11.86 11.26 -8.01
C THR A 176 -12.70 11.53 -6.78
N ALA A 177 -12.15 11.26 -5.60
CA ALA A 177 -12.89 11.48 -4.36
C ALA A 177 -12.64 12.90 -3.80
N PRO A 178 -13.57 13.40 -3.00
CA PRO A 178 -13.34 14.75 -2.47
C PRO A 178 -12.41 14.79 -1.25
N ASN A 179 -12.02 16.00 -0.86
CA ASN A 179 -11.22 16.18 0.35
C ASN A 179 -9.79 15.61 0.33
N ASN A 180 -9.11 15.64 -0.83
CA ASN A 180 -7.73 15.15 -0.99
C ASN A 180 -7.35 13.93 -0.17
N LYS A 181 -7.99 12.80 -0.47
CA LYS A 181 -7.74 11.57 0.23
C LYS A 181 -7.04 10.61 -0.74
N GLN A 182 -5.97 10.00 -0.26
CA GLN A 182 -5.18 9.07 -1.02
C GLN A 182 -5.84 7.71 -1.11
N LEU A 183 -5.66 7.09 -2.27
CA LEU A 183 -6.09 5.74 -2.49
C LEU A 183 -4.89 5.13 -3.20
N GLN A 184 -4.27 4.16 -2.55
CA GLN A 184 -3.13 3.49 -3.13
C GLN A 184 -3.36 2.01 -3.01
N ILE A 185 -2.49 1.25 -3.65
CA ILE A 185 -2.55 -0.20 -3.61
C ILE A 185 -1.13 -0.73 -3.54
N ALA A 186 -0.94 -1.81 -2.79
CA ALA A 186 0.36 -2.45 -2.71
C ALA A 186 0.07 -3.91 -3.11
N SER A 187 0.55 -4.30 -4.28
CA SER A 187 0.26 -5.65 -4.73
C SER A 187 1.35 -6.12 -5.69
N GLY A 188 0.99 -7.02 -6.59
CA GLY A 188 1.97 -7.52 -7.53
C GLY A 188 1.21 -7.97 -8.76
N ILE A 189 1.90 -7.93 -9.91
CA ILE A 189 1.29 -8.34 -11.15
C ILE A 189 0.90 -9.82 -11.04
N ASP A 190 1.53 -10.54 -10.11
CA ASP A 190 1.22 -11.95 -9.92
C ASP A 190 -0.01 -12.24 -9.08
N VAL A 191 -0.71 -11.22 -8.58
CA VAL A 191 -1.89 -11.53 -7.80
C VAL A 191 -3.03 -11.66 -8.77
N TYR A 192 -3.89 -12.65 -8.56
CA TYR A 192 -4.98 -12.86 -9.49
C TYR A 192 -5.80 -11.63 -9.79
N ALA A 193 -6.13 -10.86 -8.76
CA ALA A 193 -6.96 -9.68 -8.91
C ALA A 193 -6.32 -8.46 -9.62
N TRP A 194 -5.01 -8.49 -9.83
CA TRP A 194 -4.32 -7.37 -10.44
C TRP A 194 -4.95 -6.75 -11.70
N ASN A 195 -5.01 -7.53 -12.77
CA ASN A 195 -5.53 -7.03 -14.03
C ASN A 195 -6.88 -6.38 -13.92
N LYS A 196 -7.85 -7.06 -13.31
CA LYS A 196 -9.17 -6.48 -13.20
C LYS A 196 -9.17 -5.25 -12.31
N ILE A 197 -8.32 -5.21 -11.30
CA ILE A 197 -8.28 -4.00 -10.48
C ILE A 197 -7.84 -2.81 -11.35
N MET A 198 -6.83 -3.03 -12.20
CA MET A 198 -6.34 -1.95 -13.04
C MET A 198 -7.28 -1.60 -14.18
N GLU A 199 -7.98 -2.60 -14.70
CA GLU A 199 -8.90 -2.31 -15.79
C GLU A 199 -9.97 -1.37 -15.28
N ASN A 200 -10.26 -1.50 -14.00
CA ASN A 200 -11.31 -0.71 -13.37
C ASN A 200 -10.93 0.53 -12.63
N PHE A 201 -9.81 0.46 -11.91
CA PHE A 201 -9.43 1.55 -11.02
C PHE A 201 -8.06 2.17 -11.11
N ARG A 202 -7.26 1.80 -12.11
CA ARG A 202 -5.93 2.38 -12.20
C ARG A 202 -5.95 3.89 -12.10
N ASN A 203 -7.00 4.53 -12.59
CA ASN A 203 -7.01 5.97 -12.55
C ASN A 203 -7.40 6.55 -11.21
N ASN A 204 -8.00 5.71 -10.38
CA ASN A 204 -8.42 6.13 -9.05
C ASN A 204 -7.25 6.14 -8.08
N PHE A 205 -6.29 5.26 -8.31
CA PHE A 205 -5.15 5.21 -7.42
C PHE A 205 -4.21 6.38 -7.61
N ASN A 206 -3.79 7.01 -6.53
CA ASN A 206 -2.83 8.10 -6.63
C ASN A 206 -1.48 7.43 -6.96
N TYR A 207 -1.21 6.33 -6.28
CA TYR A 207 0.01 5.58 -6.50
C TYR A 207 -0.29 4.11 -6.49
N ILE A 208 0.45 3.37 -7.31
CA ILE A 208 0.24 1.94 -7.42
C ILE A 208 1.60 1.36 -7.10
N GLN A 209 1.67 0.70 -5.96
CA GLN A 209 2.93 0.12 -5.52
C GLN A 209 3.06 -1.35 -5.86
N LEU A 210 4.22 -1.70 -6.38
CA LEU A 210 4.52 -3.11 -6.67
C LEU A 210 5.46 -3.59 -5.55
N GLN A 211 5.11 -4.68 -4.90
CA GLN A 211 5.93 -5.22 -3.81
C GLN A 211 7.12 -5.94 -4.42
N SER A 212 7.90 -5.19 -5.20
CA SER A 212 9.05 -5.75 -5.91
C SER A 212 10.26 -5.91 -4.96
N TYR A 213 10.03 -6.53 -3.81
CA TYR A 213 11.06 -6.74 -2.81
C TYR A 213 12.24 -7.57 -3.28
N GLY A 214 13.43 -6.99 -3.19
CA GLY A 214 14.61 -7.72 -3.61
C GLY A 214 14.90 -7.61 -5.09
N ALA A 215 14.10 -6.83 -5.81
CA ALA A 215 14.36 -6.69 -7.23
C ALA A 215 15.57 -5.80 -7.57
N ASN A 216 15.97 -5.86 -8.83
CA ASN A 216 17.01 -5.00 -9.34
C ASN A 216 16.27 -4.20 -10.41
N VAL A 217 16.95 -3.24 -11.03
CA VAL A 217 16.35 -2.38 -12.02
C VAL A 217 15.79 -3.14 -13.20
N SER A 218 16.53 -4.15 -13.65
CA SER A 218 16.06 -4.95 -14.76
C SER A 218 14.67 -5.54 -14.44
N ARG A 219 14.56 -6.20 -13.29
CA ARG A 219 13.29 -6.79 -12.96
C ARG A 219 12.19 -5.71 -12.84
N THR A 220 12.46 -4.59 -12.18
CA THR A 220 11.40 -3.57 -12.10
C THR A 220 10.97 -3.06 -13.51
N GLN A 221 11.94 -2.94 -14.43
CA GLN A 221 11.62 -2.49 -15.79
C GLN A 221 10.68 -3.50 -16.43
N LEU A 222 10.96 -4.78 -16.21
CA LEU A 222 10.12 -5.80 -16.78
C LEU A 222 8.69 -5.60 -16.29
N MET A 223 8.56 -5.28 -14.99
CA MET A 223 7.26 -5.08 -14.41
C MET A 223 6.62 -3.84 -15.06
N MET A 224 7.43 -2.80 -15.22
CA MET A 224 6.97 -1.54 -15.79
C MET A 224 6.46 -1.76 -17.19
N ASN A 225 7.11 -2.63 -17.95
CA ASN A 225 6.66 -2.86 -19.33
C ASN A 225 5.21 -3.32 -19.40
N TYR A 226 4.89 -4.23 -18.51
CA TYR A 226 3.57 -4.81 -18.41
C TYR A 226 2.58 -3.86 -17.77
N ALA A 227 2.95 -3.30 -16.62
CA ALA A 227 2.06 -2.40 -15.91
C ALA A 227 1.57 -1.29 -16.85
N THR A 228 2.50 -0.72 -17.61
CA THR A 228 2.17 0.35 -18.54
C THR A 228 1.59 -0.11 -19.86
N GLY A 229 2.22 -1.10 -20.48
CA GLY A 229 1.76 -1.53 -21.78
C GLY A 229 0.47 -2.33 -21.80
N THR A 230 0.35 -3.25 -20.87
CA THR A 230 -0.81 -4.13 -20.80
C THR A 230 -1.88 -3.65 -19.82
N ASN A 231 -1.47 -3.22 -18.63
CA ASN A 231 -2.45 -2.74 -17.67
C ASN A 231 -2.84 -1.29 -17.94
N LYS A 232 -2.10 -0.62 -18.83
CA LYS A 232 -2.36 0.78 -19.20
C LYS A 232 -2.21 1.78 -18.04
N ILE A 233 -1.38 1.42 -17.08
CA ILE A 233 -1.17 2.32 -15.95
C ILE A 233 -0.18 3.43 -16.29
N PRO A 234 -0.52 4.68 -15.94
CA PRO A 234 0.36 5.83 -16.19
C PRO A 234 1.67 5.55 -15.40
N ALA A 235 2.80 5.75 -16.05
CA ALA A 235 4.09 5.49 -15.41
C ALA A 235 4.21 6.26 -14.10
N SER A 236 3.66 7.48 -14.09
CA SER A 236 3.73 8.33 -12.92
C SER A 236 3.04 7.81 -11.65
N LYS A 237 2.32 6.70 -11.73
CA LYS A 237 1.66 6.15 -10.53
C LYS A 237 2.47 5.00 -9.95
N MET A 238 3.35 4.44 -10.78
CA MET A 238 4.14 3.27 -10.37
C MET A 238 5.16 3.55 -9.28
N VAL A 239 5.07 2.75 -8.23
CA VAL A 239 5.96 2.88 -7.09
C VAL A 239 6.52 1.50 -6.82
N PHE A 240 7.82 1.40 -6.62
CA PHE A 240 8.42 0.10 -6.32
C PHE A 240 8.78 -0.08 -4.85
N GLY A 241 8.91 -1.33 -4.45
CA GLY A 241 9.10 -1.63 -3.05
C GLY A 241 10.52 -1.81 -2.63
N ALA A 242 10.92 -1.05 -1.62
CA ALA A 242 12.28 -1.13 -1.07
C ALA A 242 12.12 -1.98 0.17
N TYR A 243 12.73 -3.15 0.15
CA TYR A 243 12.56 -4.09 1.25
C TYR A 243 13.52 -3.92 2.42
N ALA A 244 13.37 -2.77 3.08
CA ALA A 244 14.20 -2.41 4.22
C ALA A 244 14.10 -3.46 5.31
N GLU A 245 12.94 -4.12 5.41
CA GLU A 245 12.77 -5.13 6.41
C GLU A 245 13.80 -6.22 6.23
N GLY A 246 14.19 -6.47 4.98
CA GLY A 246 15.18 -7.52 4.73
C GLY A 246 16.61 -7.09 5.07
N GLY A 247 16.90 -5.81 4.89
CA GLY A 247 18.22 -5.26 5.17
C GLY A 247 19.37 -5.72 4.30
N THR A 248 19.09 -6.23 3.12
CA THR A 248 20.16 -6.78 2.28
C THR A 248 20.12 -6.33 0.82
N ASN A 249 19.08 -5.59 0.44
CA ASN A 249 18.98 -5.19 -0.95
C ASN A 249 19.03 -3.68 -1.15
N GLN A 250 19.75 -3.01 -0.27
CA GLN A 250 19.82 -1.59 -0.36
C GLN A 250 20.44 -1.04 -1.64
N ALA A 251 21.57 -1.59 -2.06
CA ALA A 251 22.19 -1.05 -3.26
C ALA A 251 21.21 -1.14 -4.45
N ASN A 252 20.57 -2.30 -4.61
CA ASN A 252 19.57 -2.48 -5.66
C ASN A 252 18.43 -1.47 -5.49
N ASP A 253 17.90 -1.37 -4.28
CA ASP A 253 16.79 -0.45 -3.98
C ASP A 253 17.15 0.98 -4.31
N VAL A 254 18.38 1.36 -3.97
CA VAL A 254 18.85 2.69 -4.26
C VAL A 254 18.87 2.92 -5.78
N GLU A 255 19.31 1.92 -6.54
CA GLU A 255 19.35 2.03 -7.98
C GLU A 255 17.92 2.17 -8.55
N VAL A 256 17.00 1.39 -8.04
CA VAL A 256 15.60 1.46 -8.48
C VAL A 256 15.01 2.80 -8.10
N ALA A 257 15.41 3.29 -6.93
CA ALA A 257 14.93 4.56 -6.42
C ALA A 257 15.36 5.69 -7.37
N LYS A 258 16.61 5.65 -7.84
CA LYS A 258 17.12 6.68 -8.73
C LYS A 258 16.66 6.51 -10.17
N TRP A 259 16.31 5.28 -10.50
CA TRP A 259 15.91 4.89 -11.84
C TRP A 259 14.63 5.48 -12.45
N THR A 260 14.74 5.88 -13.71
CA THR A 260 13.60 6.39 -14.47
C THR A 260 13.37 5.29 -15.51
N PRO A 261 12.19 4.65 -15.49
CA PRO A 261 11.86 3.57 -16.44
C PRO A 261 11.87 4.10 -17.86
N THR A 262 11.97 3.23 -18.84
CA THR A 262 11.96 3.68 -20.23
C THR A 262 10.60 4.32 -20.60
N GLN A 263 9.54 3.97 -19.87
CA GLN A 263 8.23 4.55 -20.14
C GLN A 263 8.09 5.93 -19.52
N GLY A 264 9.11 6.42 -18.83
CA GLY A 264 9.00 7.74 -18.23
C GLY A 264 9.07 7.75 -16.70
N ALA A 265 9.08 8.94 -16.11
CA ALA A 265 9.18 9.08 -14.66
C ALA A 265 8.15 8.26 -13.92
N LYS A 266 8.62 7.52 -12.92
CA LYS A 266 7.72 6.68 -12.14
C LYS A 266 7.15 7.48 -10.99
N GLY A 267 6.23 6.89 -10.23
CA GLY A 267 5.65 7.60 -9.11
C GLY A 267 6.71 7.74 -8.04
N GLY A 268 7.45 6.67 -7.79
CA GLY A 268 8.47 6.76 -6.75
C GLY A 268 8.76 5.45 -6.08
N MET A 269 9.10 5.51 -4.80
CA MET A 269 9.42 4.32 -4.01
C MET A 269 8.59 4.28 -2.72
N MET A 270 8.28 3.06 -2.26
CA MET A 270 7.65 2.87 -0.96
C MET A 270 8.69 2.00 -0.26
N ILE A 271 8.73 2.16 1.05
CA ILE A 271 9.68 1.47 1.89
C ILE A 271 9.01 0.61 2.94
N TYR A 272 9.28 -0.68 2.82
CA TYR A 272 8.72 -1.65 3.75
C TYR A 272 9.78 -2.29 4.67
N THR A 273 9.91 -1.81 5.91
CA THR A 273 9.14 -0.67 6.42
C THR A 273 10.23 0.30 6.83
N TYR A 274 9.90 1.57 6.94
CA TYR A 274 10.87 2.58 7.28
C TYR A 274 11.47 2.31 8.66
N ASN A 275 10.61 1.88 9.59
CA ASN A 275 11.09 1.65 10.93
C ASN A 275 11.80 0.30 11.13
N SER A 276 11.88 -0.51 10.07
CA SER A 276 12.59 -1.78 10.23
C SER A 276 14.09 -1.53 10.23
N ASN A 277 14.53 -0.51 9.50
CA ASN A 277 15.96 -0.25 9.37
C ASN A 277 15.99 1.15 8.81
N VAL A 278 16.11 2.12 9.71
CA VAL A 278 16.05 3.51 9.32
C VAL A 278 17.14 4.01 8.40
N SER A 279 18.35 3.51 8.61
CA SER A 279 19.45 3.90 7.76
C SER A 279 19.19 3.45 6.32
N TYR A 280 18.66 2.23 6.18
CA TYR A 280 18.34 1.64 4.87
C TYR A 280 17.26 2.49 4.18
N ALA A 281 16.21 2.77 4.92
CA ALA A 281 15.10 3.61 4.46
C ALA A 281 15.59 5.01 4.06
N ASN A 282 16.44 5.61 4.90
CA ASN A 282 16.97 6.96 4.60
C ASN A 282 17.73 6.97 3.29
N ALA A 283 18.45 5.88 3.02
CA ALA A 283 19.23 5.77 1.79
C ALA A 283 18.29 5.72 0.59
N VAL A 284 17.26 4.92 0.71
CA VAL A 284 16.27 4.83 -0.38
C VAL A 284 15.57 6.19 -0.58
N ARG A 285 15.16 6.80 0.53
CA ARG A 285 14.51 8.12 0.50
C ARG A 285 15.41 9.09 -0.23
N ASP A 286 16.67 9.16 0.21
CA ASP A 286 17.65 10.06 -0.40
C ASP A 286 17.75 9.79 -1.89
N ALA A 287 17.78 8.52 -2.24
CA ALA A 287 17.91 8.12 -3.63
C ALA A 287 16.73 8.52 -4.50
N VAL A 288 15.52 8.37 -3.99
CA VAL A 288 14.39 8.71 -4.84
C VAL A 288 14.16 10.22 -4.88
N LYS A 289 14.61 10.89 -3.84
CA LYS A 289 14.44 12.32 -3.71
C LYS A 289 15.51 13.15 -4.38
N ASN A 290 16.76 12.75 -4.26
CA ASN A 290 17.84 13.54 -4.83
C ASN A 290 18.34 12.85 -6.10
#